data_7C7W
#
_entry.id   7C7W
#
_cell.length_a   157.144
_cell.length_b   37.436
_cell.length_c   40.910
_cell.angle_alpha   90.000
_cell.angle_beta   98.581
_cell.angle_gamma   90.000
#
_symmetry.space_group_name_H-M   'C 1 2 1'
#
loop_
_entity.id
_entity.type
_entity.pdbx_description
1 polymer 'Vitamin D3 receptor'
2 polymer 'Mediator of RNA polymerase II transcription subunit 1'
3 non-polymer '(4R)-4-[(3S,5R,8R,9S,10S,13R,14S,17R)-10,13-dimethyl-3-(2-methyl-2-oxidanyl-propyl)-2,3,4,5,6,7,8,9,11,12,14,15,16,17-tetradecahydro-1H-cyclopenta[a]phenanthren-17-yl]pentanoic acid'
4 non-polymer 'FORMIC ACID'
5 water water
#
loop_
_entity_poly.entity_id
_entity_poly.type
_entity_poly.pdbx_seq_one_letter_code
_entity_poly.pdbx_strand_id
1 'polypeptide(L)'
;GSHMGSPNSPLKDSLRPKLSEEQQHIIAILLDAHHKTYDPTYADFRDFRPPVRMDGSTGSVTLDLSPLSMLPHLADLVSY
SIQKVIGFAKMIPGFRDLTSDDQIVLLKSSAIEVIMLRSNQSFTMDDMSWDCGSQDYKYDVTDVSKAGHTLELIEPLIKF
QVGLKKLNLHEEEHVLLMAICIVSPDRPGVQDAKLVEAIQDRLSNTLQTYIRCRHPPPGSHQLYAKMIQKLADLRSLNEE
HSKQYRSLSFQPENSMKLTPLVLEVFGNEIS
;
A
2 'polypeptide(L)' KNHPMLMNLLKDN C
#
loop_
_chem_comp.id
_chem_comp.type
_chem_comp.name
_chem_comp.formula
FKF non-polymer '(4R)-4-[(3S,5R,8R,9S,10S,13R,14S,17R)-10,13-dimethyl-3-(2-methyl-2-oxidanyl-propyl)-2,3,4,5,6,7,8,9,11,12,14,15,16,17-tetradecahydro-1H-cyclopenta[a]phenanthren-17-yl]pentanoic acid' 'C28 H48 O3'
FMT non-polymer 'FORMIC ACID' 'C H2 O2'
#
# COMPACT_ATOMS: atom_id res chain seq x y z
N LYS A 18 -18.58 13.29 17.02
CA LYS A 18 -17.54 14.02 17.82
C LYS A 18 -16.28 13.15 17.91
N LEU A 19 -15.13 13.68 17.50
CA LEU A 19 -13.82 12.98 17.52
C LEU A 19 -13.29 12.93 18.95
N SER A 20 -13.23 11.75 19.55
CA SER A 20 -12.68 11.54 20.91
C SER A 20 -11.20 11.96 20.93
N GLU A 21 -10.61 12.11 22.13
CA GLU A 21 -9.15 12.36 22.32
C GLU A 21 -8.38 11.20 21.68
N GLU A 22 -8.80 9.98 22.00
CA GLU A 22 -8.26 8.71 21.46
C GLU A 22 -8.25 8.78 19.93
N GLN A 23 -9.37 9.16 19.33
CA GLN A 23 -9.51 9.17 17.85
C GLN A 23 -8.53 10.17 17.25
N GLN A 24 -8.43 11.37 17.83
CA GLN A 24 -7.44 12.40 17.38
C GLN A 24 -6.02 11.88 17.59
N HIS A 25 -5.77 11.16 18.69
CA HIS A 25 -4.42 10.60 18.99
C HIS A 25 -4.10 9.62 17.86
N ILE A 26 -5.04 8.76 17.48
CA ILE A 26 -4.83 7.75 16.41
C ILE A 26 -4.44 8.46 15.11
N ILE A 27 -5.17 9.52 14.74
CA ILE A 27 -4.94 10.26 13.47
C ILE A 27 -3.55 10.90 13.50
N ALA A 28 -3.20 11.58 14.60
CA ALA A 28 -1.89 12.24 14.77
C ALA A 28 -0.80 11.19 14.56
N ILE A 29 -0.94 10.06 15.22
CA ILE A 29 0.08 8.96 15.16
C ILE A 29 0.20 8.48 13.71
N LEU A 30 -0.90 8.29 13.00
CA LEU A 30 -0.83 7.71 11.63
C LEU A 30 -0.28 8.75 10.66
N LEU A 31 -0.59 10.03 10.84
CA LEU A 31 -0.02 11.12 10.00
C LEU A 31 1.50 11.18 10.15
N ASP A 32 1.99 11.12 11.36
CA ASP A 32 3.45 11.21 11.62
C ASP A 32 4.15 9.96 11.07
N ALA A 33 3.58 8.77 11.28
CA ALA A 33 4.10 7.50 10.75
C ALA A 33 4.27 7.64 9.23
N HIS A 34 3.24 8.19 8.58
CA HIS A 34 3.24 8.42 7.11
C HIS A 34 4.34 9.41 6.71
N HIS A 35 4.39 10.57 7.36
CA HIS A 35 5.42 11.62 7.11
C HIS A 35 6.82 11.03 7.31
N LYS A 36 7.01 10.17 8.32
CA LYS A 36 8.33 9.55 8.62
C LYS A 36 8.69 8.50 7.55
N THR A 37 7.72 7.91 6.84
CA THR A 37 8.00 6.76 5.95
C THR A 37 7.64 7.02 4.48
N TYR A 38 7.00 8.13 4.12
CA TYR A 38 6.76 8.44 2.70
C TYR A 38 7.43 9.77 2.31
N ASP A 39 8.28 9.71 1.26
CA ASP A 39 8.97 10.86 0.61
C ASP A 39 9.06 10.57 -0.89
N PRO A 40 8.40 11.37 -1.77
CA PRO A 40 8.61 11.25 -3.22
C PRO A 40 10.10 11.25 -3.63
N ASP A 47 20.73 5.20 -4.93
CA ASP A 47 20.69 3.98 -4.08
C ASP A 47 20.18 2.78 -4.89
N PHE A 48 19.31 3.02 -5.88
CA PHE A 48 18.63 1.99 -6.72
C PHE A 48 19.43 1.79 -8.00
N ARG A 49 19.20 0.69 -8.70
CA ARG A 49 19.74 0.50 -10.06
C ARG A 49 19.06 1.51 -10.97
N PRO A 50 19.80 2.09 -11.93
CA PRO A 50 19.27 3.20 -12.73
C PRO A 50 18.10 2.82 -13.62
N PRO A 51 17.21 3.80 -13.89
CA PRO A 51 16.13 3.61 -14.85
C PRO A 51 16.78 3.47 -16.23
N VAL A 52 16.27 2.56 -17.06
CA VAL A 52 16.83 2.24 -18.40
C VAL A 52 15.68 2.37 -19.42
N PRO A 67 11.36 -4.45 -22.89
CA PRO A 67 10.14 -4.90 -22.18
C PRO A 67 10.36 -5.21 -20.69
N LEU A 68 11.61 -5.43 -20.27
CA LEU A 68 11.98 -5.63 -18.84
C LEU A 68 13.04 -4.60 -18.44
N SER A 69 13.29 -3.59 -19.26
CA SER A 69 14.45 -2.68 -19.03
C SER A 69 14.27 -1.98 -17.69
N MET A 70 13.03 -1.75 -17.27
CA MET A 70 12.73 -0.94 -16.06
C MET A 70 12.57 -1.85 -14.84
N LEU A 71 12.64 -3.17 -14.99
CA LEU A 71 12.38 -4.09 -13.86
C LEU A 71 13.44 -3.95 -12.76
N PRO A 72 14.75 -3.82 -13.07
CA PRO A 72 15.75 -3.63 -12.01
C PRO A 72 15.44 -2.40 -11.15
N HIS A 73 15.19 -1.26 -11.79
CA HIS A 73 14.96 0.04 -11.12
C HIS A 73 13.67 -0.03 -10.31
N LEU A 74 12.59 -0.54 -10.91
CA LEU A 74 11.24 -0.51 -10.27
C LEU A 74 11.17 -1.61 -9.22
N ALA A 75 11.91 -2.72 -9.37
CA ALA A 75 12.01 -3.76 -8.32
C ALA A 75 12.74 -3.19 -7.09
N ASP A 76 13.77 -2.39 -7.31
CA ASP A 76 14.47 -1.69 -6.21
C ASP A 76 13.52 -0.73 -5.49
N LEU A 77 12.74 0.03 -6.25
CA LEU A 77 11.82 1.07 -5.73
C LEU A 77 10.77 0.39 -4.84
N VAL A 78 10.20 -0.69 -5.35
CA VAL A 78 9.15 -1.46 -4.65
C VAL A 78 9.75 -2.08 -3.39
N SER A 79 10.97 -2.64 -3.49
CA SER A 79 11.72 -3.22 -2.35
C SER A 79 11.89 -2.20 -1.22
N TYR A 80 12.42 -1.05 -1.55
CA TYR A 80 12.51 0.10 -0.62
C TYR A 80 11.13 0.42 -0.06
N SER A 81 10.11 0.49 -0.92
CA SER A 81 8.73 0.88 -0.50
C SER A 81 8.20 -0.16 0.49
N ILE A 82 8.52 -1.44 0.31
CA ILE A 82 8.10 -2.48 1.29
C ILE A 82 8.66 -2.14 2.68
N GLN A 83 9.94 -1.76 2.76
CA GLN A 83 10.60 -1.43 4.05
C GLN A 83 9.80 -0.30 4.71
N LYS A 84 9.39 0.68 3.93
CA LYS A 84 8.67 1.86 4.46
C LYS A 84 7.26 1.46 4.89
N VAL A 85 6.66 0.50 4.18
CA VAL A 85 5.29 0.05 4.53
C VAL A 85 5.43 -0.61 5.90
N ILE A 86 6.45 -1.42 6.10
CA ILE A 86 6.68 -2.14 7.40
C ILE A 86 6.87 -1.08 8.48
N GLY A 87 7.61 -0.04 8.17
CA GLY A 87 7.85 1.05 9.13
C GLY A 87 6.54 1.67 9.57
N PHE A 88 5.65 1.91 8.60
CA PHE A 88 4.32 2.52 8.86
C PHE A 88 3.49 1.57 9.73
N ALA A 89 3.44 0.30 9.33
CA ALA A 89 2.61 -0.73 9.99
C ALA A 89 2.98 -0.78 11.48
N LYS A 90 4.27 -0.84 11.80
CA LYS A 90 4.78 -0.94 13.19
C LYS A 90 4.25 0.21 14.03
N MET A 91 3.92 1.35 13.44
CA MET A 91 3.47 2.55 14.20
C MET A 91 1.92 2.64 14.24
N ILE A 92 1.21 1.66 13.68
CA ILE A 92 -0.28 1.62 13.76
C ILE A 92 -0.60 1.21 15.19
N PRO A 93 -1.38 2.01 15.96
CA PRO A 93 -1.71 1.65 17.34
C PRO A 93 -2.38 0.27 17.37
N GLY A 94 -1.79 -0.64 18.13
CA GLY A 94 -2.33 -1.98 18.36
C GLY A 94 -1.65 -3.02 17.50
N PHE A 95 -0.97 -2.62 16.42
CA PHE A 95 -0.24 -3.56 15.53
C PHE A 95 0.82 -4.34 16.33
N ARG A 96 1.51 -3.63 17.22
CA ARG A 96 2.55 -4.17 18.14
C ARG A 96 1.99 -5.30 19.01
N ASP A 97 0.69 -5.32 19.28
CA ASP A 97 0.04 -6.26 20.23
C ASP A 97 -0.31 -7.56 19.51
N LEU A 98 -0.13 -7.64 18.20
CA LEU A 98 -0.31 -8.88 17.41
C LEU A 98 0.94 -9.76 17.60
N THR A 99 0.81 -11.07 17.46
CA THR A 99 1.96 -12.00 17.35
C THR A 99 2.78 -11.63 16.12
N SER A 100 4.05 -12.02 16.13
CA SER A 100 4.98 -11.77 15.02
C SER A 100 4.42 -12.48 13.78
N ASP A 101 3.78 -13.63 13.98
CA ASP A 101 3.20 -14.43 12.87
C ASP A 101 2.07 -13.65 12.20
N ASP A 102 1.18 -13.01 12.98
CA ASP A 102 0.04 -12.24 12.43
C ASP A 102 0.56 -10.96 11.74
N GLN A 103 1.60 -10.35 12.30
CA GLN A 103 2.23 -9.14 11.70
C GLN A 103 2.75 -9.53 10.32
N ILE A 104 3.42 -10.68 10.21
CA ILE A 104 4.04 -11.19 8.95
C ILE A 104 2.93 -11.42 7.92
N VAL A 105 1.88 -12.19 8.24
CA VAL A 105 0.80 -12.50 7.26
C VAL A 105 0.15 -11.18 6.81
N LEU A 106 -0.11 -10.25 7.71
CA LEU A 106 -0.81 -8.98 7.35
C LEU A 106 0.09 -8.18 6.39
N LEU A 107 1.39 -8.13 6.64
CA LEU A 107 2.32 -7.35 5.79
C LEU A 107 2.53 -8.09 4.47
N LYS A 108 2.69 -9.42 4.49
CA LYS A 108 2.82 -10.18 3.23
C LYS A 108 1.59 -9.96 2.34
N SER A 109 0.39 -9.99 2.90
CA SER A 109 -0.83 -9.91 2.06
C SER A 109 -1.05 -8.47 1.59
N SER A 110 -0.65 -7.46 2.37
CA SER A 110 -1.07 -6.05 2.12
C SER A 110 0.02 -5.26 1.40
N ALA A 111 1.28 -5.68 1.40
CA ALA A 111 2.42 -4.80 1.08
C ALA A 111 2.18 -4.18 -0.30
N ILE A 112 1.83 -4.98 -1.31
CA ILE A 112 1.68 -4.43 -2.70
C ILE A 112 0.50 -3.44 -2.77
N GLU A 113 -0.60 -3.71 -2.05
CA GLU A 113 -1.80 -2.83 -1.99
C GLU A 113 -1.41 -1.49 -1.36
N VAL A 114 -0.68 -1.53 -0.25
CA VAL A 114 -0.27 -0.28 0.44
C VAL A 114 0.65 0.52 -0.48
N ILE A 115 1.56 -0.15 -1.20
CA ILE A 115 2.49 0.55 -2.11
C ILE A 115 1.69 1.25 -3.21
N MET A 116 0.76 0.55 -3.87
CA MET A 116 -0.14 1.14 -4.89
C MET A 116 -0.93 2.31 -4.29
N LEU A 117 -1.48 2.14 -3.10
CA LEU A 117 -2.32 3.16 -2.44
C LEU A 117 -1.49 4.39 -2.06
N ARG A 118 -0.29 4.19 -1.49
CA ARG A 118 0.52 5.30 -0.97
C ARG A 118 1.07 6.10 -2.18
N SER A 119 1.23 5.43 -3.30
CA SER A 119 1.73 6.04 -4.57
C SER A 119 0.77 7.10 -5.08
N ASN A 120 -0.48 7.12 -4.61
CA ASN A 120 -1.48 8.11 -5.10
C ASN A 120 -0.98 9.55 -4.84
N GLN A 121 -0.19 9.78 -3.81
CA GLN A 121 0.26 11.16 -3.47
C GLN A 121 1.27 11.68 -4.51
N SER A 122 1.97 10.83 -5.24
CA SER A 122 2.98 11.24 -6.25
C SER A 122 2.34 11.21 -7.62
N PHE A 123 1.15 10.60 -7.73
CA PHE A 123 0.42 10.45 -9.00
C PHE A 123 -0.20 11.81 -9.36
N THR A 124 -0.12 12.15 -10.64
CA THR A 124 -0.66 13.41 -11.21
C THR A 124 -1.56 13.06 -12.41
N MET A 125 -2.74 13.64 -12.45
CA MET A 125 -3.70 13.42 -13.55
C MET A 125 -3.30 14.30 -14.74
N ASP A 126 -2.44 15.29 -14.54
CA ASP A 126 -1.88 16.14 -15.63
C ASP A 126 -1.33 15.26 -16.76
N ASP A 127 -0.72 14.10 -16.45
CA ASP A 127 -0.10 13.23 -17.49
C ASP A 127 -0.12 11.76 -17.09
N MET A 128 -1.03 11.32 -16.20
CA MET A 128 -1.18 9.89 -15.82
C MET A 128 0.21 9.30 -15.50
N SER A 129 0.96 9.98 -14.65
CA SER A 129 2.33 9.57 -14.27
C SER A 129 2.49 9.72 -12.75
N TRP A 130 3.46 8.98 -12.21
CA TRP A 130 3.99 9.19 -10.84
C TRP A 130 5.20 10.10 -10.95
N ASP A 131 5.06 11.32 -10.43
CA ASP A 131 6.12 12.35 -10.53
C ASP A 131 6.76 12.48 -9.15
N CYS A 132 7.76 11.63 -8.89
CA CYS A 132 8.66 11.68 -7.71
C CYS A 132 9.77 12.70 -7.99
N GLY A 133 9.40 13.99 -8.16
CA GLY A 133 10.32 15.12 -8.40
C GLY A 133 10.63 15.36 -9.88
N SER A 134 11.62 14.66 -10.44
CA SER A 134 12.30 14.98 -11.73
C SER A 134 12.00 13.91 -12.80
N GLN A 135 12.31 14.24 -14.06
CA GLN A 135 12.03 13.40 -15.28
C GLN A 135 12.75 12.04 -15.13
N ASP A 136 13.90 12.02 -14.47
CA ASP A 136 14.62 10.77 -14.09
C ASP A 136 13.63 9.84 -13.38
N TYR A 137 13.03 10.31 -12.28
CA TYR A 137 12.13 9.56 -11.37
C TYR A 137 10.70 10.04 -11.61
N LYS A 138 10.35 10.13 -12.89
CA LYS A 138 8.97 10.34 -13.39
C LYS A 138 8.57 9.09 -14.15
N TYR A 139 7.46 8.46 -13.77
CA TYR A 139 7.08 7.10 -14.26
C TYR A 139 5.71 7.20 -14.91
N ASP A 140 5.63 7.04 -16.25
CA ASP A 140 4.35 7.03 -17.00
C ASP A 140 3.95 5.58 -17.33
N VAL A 141 2.86 5.40 -18.06
CA VAL A 141 2.34 4.05 -18.46
C VAL A 141 3.47 3.28 -19.17
N THR A 142 4.30 3.94 -19.99
CA THR A 142 5.35 3.26 -20.79
C THR A 142 6.38 2.66 -19.83
N ASP A 143 6.83 3.49 -18.89
CA ASP A 143 7.87 3.12 -17.88
C ASP A 143 7.41 1.87 -17.12
N VAL A 144 6.22 1.92 -16.52
CA VAL A 144 5.81 0.87 -15.55
C VAL A 144 5.34 -0.36 -16.34
N SER A 145 5.19 -0.20 -17.65
CA SER A 145 4.82 -1.28 -18.60
C SER A 145 6.08 -2.08 -19.00
N LYS A 146 7.27 -1.67 -18.57
CA LYS A 146 8.57 -2.31 -18.95
C LYS A 146 9.24 -3.01 -17.76
N ALA A 147 8.43 -3.54 -16.85
CA ALA A 147 8.90 -4.30 -15.67
C ALA A 147 8.24 -5.68 -15.69
N GLY A 148 7.85 -6.16 -16.88
CA GLY A 148 7.37 -7.55 -17.06
C GLY A 148 5.89 -7.74 -16.74
N HIS A 149 5.17 -6.70 -16.32
CA HIS A 149 3.70 -6.75 -16.10
C HIS A 149 2.99 -6.19 -17.35
N THR A 150 1.81 -6.69 -17.65
CA THR A 150 1.03 -6.26 -18.84
C THR A 150 0.04 -5.18 -18.41
N LEU A 151 -0.66 -4.61 -19.38
CA LEU A 151 -1.76 -3.64 -19.14
C LEU A 151 -2.87 -4.30 -18.34
N GLU A 152 -2.90 -5.63 -18.26
CA GLU A 152 -3.91 -6.34 -17.44
C GLU A 152 -3.76 -5.97 -15.95
N LEU A 153 -2.55 -5.59 -15.51
CA LEU A 153 -2.34 -4.97 -14.18
C LEU A 153 -2.29 -3.43 -14.32
N ILE A 154 -1.55 -2.92 -15.28
CA ILE A 154 -1.18 -1.47 -15.35
C ILE A 154 -2.45 -0.64 -15.55
N GLU A 155 -3.31 -1.03 -16.49
CA GLU A 155 -4.50 -0.21 -16.84
C GLU A 155 -5.43 -0.09 -15.63
N PRO A 156 -5.83 -1.20 -14.95
CA PRO A 156 -6.62 -1.07 -13.72
C PRO A 156 -5.89 -0.23 -12.67
N LEU A 157 -4.55 -0.37 -12.58
CA LEU A 157 -3.72 0.37 -11.59
C LEU A 157 -3.87 1.86 -11.85
N ILE A 158 -3.77 2.27 -13.12
CA ILE A 158 -3.84 3.71 -13.47
C ILE A 158 -5.27 4.20 -13.20
N LYS A 159 -6.28 3.43 -13.60
CA LYS A 159 -7.71 3.78 -13.38
C LYS A 159 -7.99 3.85 -11.88
N PHE A 160 -7.39 2.98 -11.07
CA PHE A 160 -7.50 3.07 -9.59
C PHE A 160 -6.92 4.42 -9.08
N GLN A 161 -5.76 4.86 -9.56
CA GLN A 161 -5.17 6.14 -9.12
C GLN A 161 -6.08 7.31 -9.48
N VAL A 162 -6.60 7.33 -10.69
CA VAL A 162 -7.58 8.36 -11.15
C VAL A 162 -8.81 8.33 -10.24
N GLY A 163 -9.39 7.16 -9.96
CA GLY A 163 -10.55 7.06 -9.06
C GLY A 163 -10.24 7.63 -7.68
N LEU A 164 -9.04 7.34 -7.17
CA LEU A 164 -8.65 7.75 -5.82
C LEU A 164 -8.43 9.27 -5.80
N LYS A 165 -7.85 9.85 -6.85
CA LYS A 165 -7.70 11.34 -6.96
C LYS A 165 -9.07 12.00 -6.92
N LYS A 166 -10.04 11.43 -7.64
CA LYS A 166 -11.41 11.98 -7.74
C LYS A 166 -12.08 12.02 -6.36
N LEU A 167 -11.72 11.14 -5.42
CA LEU A 167 -12.30 11.19 -4.06
C LEU A 167 -11.70 12.40 -3.34
N ASN A 168 -10.50 12.83 -3.71
CA ASN A 168 -9.88 14.05 -3.13
C ASN A 168 -9.81 13.87 -1.59
N LEU A 169 -9.26 12.77 -1.11
CA LEU A 169 -9.18 12.42 0.35
C LEU A 169 -8.34 13.45 1.10
N HIS A 170 -8.71 13.72 2.34
CA HIS A 170 -7.79 14.38 3.30
C HIS A 170 -6.63 13.41 3.53
N GLU A 171 -5.48 13.94 3.84
CA GLU A 171 -4.35 13.11 4.26
C GLU A 171 -4.77 12.23 5.48
N GLU A 172 -5.58 12.77 6.40
CA GLU A 172 -6.07 12.03 7.58
C GLU A 172 -6.80 10.78 7.10
N GLU A 173 -7.63 10.91 6.06
CA GLU A 173 -8.42 9.77 5.50
C GLU A 173 -7.48 8.80 4.78
N HIS A 174 -6.54 9.31 4.01
CA HIS A 174 -5.51 8.50 3.28
C HIS A 174 -4.76 7.59 4.27
N VAL A 175 -4.30 8.12 5.41
CA VAL A 175 -3.44 7.31 6.33
C VAL A 175 -4.29 6.30 7.07
N LEU A 176 -5.54 6.64 7.41
CA LEU A 176 -6.46 5.67 8.06
C LEU A 176 -6.73 4.55 7.08
N LEU A 177 -6.87 4.86 5.78
CA LEU A 177 -7.22 3.85 4.77
C LEU A 177 -6.00 2.92 4.61
N MET A 178 -4.79 3.45 4.61
CA MET A 178 -3.58 2.59 4.58
C MET A 178 -3.54 1.63 5.79
N ALA A 179 -3.85 2.14 6.97
CA ALA A 179 -3.83 1.37 8.23
C ALA A 179 -4.94 0.30 8.20
N ILE A 180 -6.13 0.65 7.73
CA ILE A 180 -7.30 -0.28 7.66
C ILE A 180 -6.95 -1.36 6.64
N CYS A 181 -6.28 -1.01 5.53
CA CYS A 181 -5.84 -1.94 4.47
C CYS A 181 -4.93 -3.02 5.04
N ILE A 182 -3.94 -2.63 5.84
CA ILE A 182 -2.95 -3.53 6.48
C ILE A 182 -3.65 -4.41 7.54
N VAL A 183 -4.43 -3.82 8.43
CA VAL A 183 -4.96 -4.57 9.61
C VAL A 183 -6.37 -5.06 9.29
N SER A 184 -6.49 -6.07 8.43
CA SER A 184 -7.81 -6.60 8.02
C SER A 184 -7.85 -8.07 8.37
N PRO A 185 -8.92 -8.46 9.09
CA PRO A 185 -9.04 -9.79 9.66
C PRO A 185 -9.39 -10.82 8.59
N ASP A 186 -9.67 -10.41 7.35
CA ASP A 186 -10.04 -11.36 6.25
C ASP A 186 -8.82 -11.77 5.43
N ARG A 187 -7.59 -11.44 5.83
CA ARG A 187 -6.39 -11.88 5.08
C ARG A 187 -6.12 -13.36 5.36
N PRO A 188 -5.70 -14.13 4.35
CA PRO A 188 -5.38 -15.55 4.53
C PRO A 188 -4.25 -15.73 5.56
N GLY A 189 -4.42 -16.67 6.50
CA GLY A 189 -3.36 -17.08 7.43
C GLY A 189 -3.46 -16.41 8.77
N VAL A 190 -4.28 -15.36 8.91
CA VAL A 190 -4.43 -14.64 10.21
C VAL A 190 -4.89 -15.65 11.29
N GLN A 191 -4.22 -15.68 12.43
CA GLN A 191 -4.49 -16.58 13.58
C GLN A 191 -5.54 -15.93 14.49
N ASP A 192 -5.24 -14.74 15.00
CA ASP A 192 -6.12 -14.01 15.94
C ASP A 192 -6.97 -12.96 15.21
N ALA A 193 -7.91 -13.42 14.37
CA ALA A 193 -8.87 -12.57 13.60
C ALA A 193 -9.60 -11.58 14.51
N LYS A 194 -9.95 -12.02 15.74
CA LYS A 194 -10.73 -11.21 16.70
C LYS A 194 -9.91 -9.98 17.11
N LEU A 195 -8.62 -10.14 17.39
CA LEU A 195 -7.77 -8.99 17.78
C LEU A 195 -7.55 -8.06 16.58
N VAL A 196 -7.33 -8.64 15.39
CA VAL A 196 -7.15 -7.84 14.14
C VAL A 196 -8.43 -7.06 13.86
N GLU A 197 -9.58 -7.72 13.98
CA GLU A 197 -10.91 -7.08 13.77
C GLU A 197 -11.09 -5.95 14.78
N ALA A 198 -10.73 -6.17 16.05
CA ALA A 198 -10.90 -5.12 17.09
C ALA A 198 -10.03 -3.91 16.69
N ILE A 199 -8.80 -4.14 16.24
CA ILE A 199 -7.92 -3.02 15.79
C ILE A 199 -8.57 -2.36 14.57
N GLN A 200 -8.94 -3.13 13.55
CA GLN A 200 -9.53 -2.52 12.33
C GLN A 200 -10.82 -1.77 12.69
N ASP A 201 -11.66 -2.30 13.58
CA ASP A 201 -12.93 -1.61 14.00
C ASP A 201 -12.64 -0.24 14.62
N ARG A 202 -11.60 -0.12 15.46
CA ARG A 202 -11.21 1.17 16.09
C ARG A 202 -10.75 2.13 14.98
N LEU A 203 -10.00 1.64 14.00
CA LEU A 203 -9.54 2.48 12.86
C LEU A 203 -10.75 2.90 12.01
N SER A 204 -11.62 1.95 11.65
CA SER A 204 -12.88 2.18 10.88
C SER A 204 -13.78 3.20 11.58
N ASN A 205 -14.01 3.02 12.88
CA ASN A 205 -14.83 3.94 13.69
C ASN A 205 -14.17 5.30 13.70
N THR A 206 -12.83 5.33 13.71
CA THR A 206 -12.08 6.61 13.73
C THR A 206 -12.30 7.31 12.38
N LEU A 207 -12.20 6.55 11.29
CA LEU A 207 -12.41 7.06 9.91
C LEU A 207 -13.85 7.56 9.71
N GLN A 208 -14.85 6.74 10.04
CA GLN A 208 -16.28 7.10 9.88
C GLN A 208 -16.55 8.39 10.66
N THR A 209 -16.03 8.48 11.89
CA THR A 209 -16.24 9.66 12.75
C THR A 209 -15.55 10.87 12.13
N TYR A 210 -14.31 10.71 11.67
CA TYR A 210 -13.56 11.80 11.00
C TYR A 210 -14.39 12.32 9.83
N ILE A 211 -14.93 11.42 9.02
CA ILE A 211 -15.66 11.81 7.77
C ILE A 211 -16.87 12.66 8.15
N ARG A 212 -17.62 12.22 9.17
CA ARG A 212 -18.85 12.89 9.64
C ARG A 212 -18.49 14.25 10.25
N CYS A 213 -17.45 14.33 11.05
CA CYS A 213 -17.09 15.57 11.78
C CYS A 213 -16.29 16.52 10.91
N ARG A 214 -15.47 16.02 9.99
CA ARG A 214 -14.43 16.88 9.38
C ARG A 214 -14.53 16.90 7.86
N HIS A 215 -15.15 15.90 7.22
CA HIS A 215 -15.19 15.93 5.74
C HIS A 215 -16.40 16.77 5.37
N PRO A 216 -16.25 17.85 4.56
CA PRO A 216 -17.40 18.66 4.12
C PRO A 216 -18.44 17.87 3.34
N PRO A 217 -19.72 17.85 3.77
CA PRO A 217 -20.81 17.42 2.90
C PRO A 217 -20.94 18.42 1.75
N PRO A 218 -21.35 18.01 0.53
CA PRO A 218 -21.71 16.62 0.23
C PRO A 218 -20.55 15.67 -0.13
N GLY A 219 -19.31 16.15 -0.15
CA GLY A 219 -18.12 15.31 -0.34
C GLY A 219 -18.06 14.13 0.65
N SER A 220 -18.72 14.23 1.81
CA SER A 220 -18.71 13.16 2.83
C SER A 220 -19.72 12.05 2.49
N HIS A 221 -20.62 12.27 1.52
CA HIS A 221 -21.75 11.32 1.27
C HIS A 221 -21.23 9.96 0.76
N GLN A 222 -21.46 8.90 1.52
CA GLN A 222 -21.02 7.52 1.18
C GLN A 222 -19.50 7.47 0.99
N LEU A 223 -18.75 8.40 1.60
CA LEU A 223 -17.29 8.47 1.39
C LEU A 223 -16.64 7.23 2.00
N TYR A 224 -17.09 6.80 3.18
CA TYR A 224 -16.63 5.55 3.82
C TYR A 224 -16.84 4.38 2.84
N ALA A 225 -18.03 4.26 2.24
CA ALA A 225 -18.31 3.14 1.30
C ALA A 225 -17.38 3.24 0.08
N LYS A 226 -17.12 4.45 -0.44
CA LYS A 226 -16.25 4.59 -1.64
C LYS A 226 -14.81 4.22 -1.27
N MET A 227 -14.39 4.55 -0.06
CA MET A 227 -13.03 4.20 0.44
C MET A 227 -12.91 2.67 0.58
N ILE A 228 -13.91 2.01 1.15
CA ILE A 228 -13.86 0.53 1.30
C ILE A 228 -13.87 -0.09 -0.10
N GLN A 229 -14.67 0.44 -1.04
CA GLN A 229 -14.65 -0.04 -2.46
C GLN A 229 -13.23 0.05 -3.04
N LYS A 230 -12.49 1.12 -2.72
CA LYS A 230 -11.08 1.27 -3.17
C LYS A 230 -10.21 0.18 -2.58
N LEU A 231 -10.47 -0.21 -1.33
CA LEU A 231 -9.76 -1.36 -0.75
C LEU A 231 -10.07 -2.64 -1.53
N ALA A 232 -11.33 -2.86 -1.93
CA ALA A 232 -11.72 -3.98 -2.80
C ALA A 232 -10.96 -3.88 -4.14
N ASP A 233 -10.83 -2.68 -4.72
CA ASP A 233 -10.08 -2.53 -5.99
C ASP A 233 -8.64 -2.97 -5.73
N LEU A 234 -8.08 -2.65 -4.57
CA LEU A 234 -6.68 -3.02 -4.24
C LEU A 234 -6.56 -4.55 -4.13
N ARG A 235 -7.54 -5.25 -3.56
CA ARG A 235 -7.49 -6.74 -3.45
C ARG A 235 -7.47 -7.36 -4.85
N SER A 236 -8.23 -6.77 -5.76
CA SER A 236 -8.32 -7.20 -7.17
C SER A 236 -6.97 -6.97 -7.86
N LEU A 237 -6.35 -5.80 -7.63
CA LEU A 237 -5.00 -5.46 -8.15
C LEU A 237 -3.96 -6.42 -7.57
N ASN A 238 -4.10 -6.79 -6.31
CA ASN A 238 -3.23 -7.74 -5.57
C ASN A 238 -3.32 -9.11 -6.27
N GLU A 239 -4.53 -9.53 -6.58
CA GLU A 239 -4.81 -10.84 -7.22
C GLU A 239 -4.13 -10.87 -8.60
N GLU A 240 -4.31 -9.81 -9.39
CA GLU A 240 -3.73 -9.70 -10.75
C GLU A 240 -2.20 -9.67 -10.65
N HIS A 241 -1.68 -8.85 -9.74
CA HIS A 241 -0.23 -8.79 -9.44
C HIS A 241 0.35 -10.17 -9.11
N SER A 242 -0.24 -10.91 -8.17
CA SER A 242 0.22 -12.26 -7.78
C SER A 242 0.26 -13.19 -9.00
N LYS A 243 -0.80 -13.21 -9.81
CA LYS A 243 -0.91 -14.08 -11.00
C LYS A 243 0.24 -13.76 -11.95
N GLN A 244 0.47 -12.48 -12.23
CA GLN A 244 1.56 -12.05 -13.13
C GLN A 244 2.92 -12.30 -12.45
N TYR A 245 3.03 -12.06 -11.14
CA TYR A 245 4.27 -12.31 -10.37
C TYR A 245 4.65 -13.80 -10.49
N ARG A 246 3.72 -14.70 -10.17
CA ARG A 246 3.93 -16.16 -10.29
C ARG A 246 4.53 -16.49 -11.67
N SER A 247 3.89 -16.06 -12.75
CA SER A 247 4.35 -16.35 -14.14
C SER A 247 5.75 -15.79 -14.35
N LEU A 248 5.92 -14.51 -14.05
CA LEU A 248 7.19 -13.77 -14.31
C LEU A 248 8.33 -14.47 -13.56
N SER A 249 8.09 -14.82 -12.30
CA SER A 249 9.14 -15.26 -11.35
C SER A 249 9.40 -16.77 -11.49
N PHE A 250 8.65 -17.47 -12.34
CA PHE A 250 9.01 -18.83 -12.80
C PHE A 250 9.94 -18.74 -14.03
N GLN A 251 10.26 -17.53 -14.49
CA GLN A 251 11.34 -17.26 -15.48
C GLN A 251 12.56 -16.84 -14.68
N PRO A 252 13.54 -17.75 -14.39
CA PRO A 252 14.65 -17.42 -13.50
C PRO A 252 15.43 -16.17 -13.93
N GLU A 253 15.51 -15.88 -15.23
CA GLU A 253 16.18 -14.65 -15.73
C GLU A 253 15.48 -13.41 -15.15
N ASN A 254 14.18 -13.50 -14.88
CA ASN A 254 13.40 -12.35 -14.37
C ASN A 254 13.58 -12.28 -12.84
N SER A 255 13.44 -13.41 -12.16
CA SER A 255 13.68 -13.56 -10.70
C SER A 255 15.05 -12.99 -10.32
N MET A 256 16.03 -13.25 -11.17
CA MET A 256 17.42 -12.76 -11.02
C MET A 256 17.43 -11.22 -10.88
N LYS A 257 16.50 -10.51 -11.48
CA LYS A 257 16.52 -9.01 -11.49
C LYS A 257 15.83 -8.49 -10.22
N LEU A 258 15.26 -9.35 -9.37
CA LEU A 258 14.49 -8.90 -8.19
C LEU A 258 15.46 -8.62 -7.04
N THR A 259 14.94 -8.45 -5.83
CA THR A 259 15.71 -8.23 -4.60
C THR A 259 15.36 -9.37 -3.67
N PRO A 260 16.24 -9.67 -2.68
CA PRO A 260 15.93 -10.68 -1.67
C PRO A 260 14.62 -10.35 -0.93
N LEU A 261 14.38 -9.10 -0.53
CA LEU A 261 13.15 -8.75 0.24
C LEU A 261 11.90 -9.02 -0.59
N VAL A 262 11.89 -8.63 -1.87
CA VAL A 262 10.78 -8.89 -2.82
C VAL A 262 10.55 -10.41 -2.94
N LEU A 263 11.60 -11.20 -3.06
CA LEU A 263 11.44 -12.68 -3.19
C LEU A 263 10.88 -13.23 -1.87
N GLU A 264 11.30 -12.73 -0.72
CA GLU A 264 10.78 -13.24 0.57
C GLU A 264 9.30 -12.85 0.73
N VAL A 265 8.93 -11.62 0.41
CA VAL A 265 7.56 -11.10 0.67
C VAL A 265 6.61 -11.61 -0.41
N PHE A 266 6.94 -11.47 -1.69
CA PHE A 266 6.01 -11.80 -2.81
C PHE A 266 6.10 -13.29 -3.14
N GLY A 267 7.21 -13.94 -2.77
CA GLY A 267 7.34 -15.42 -2.77
C GLY A 267 8.40 -15.88 -3.76
N ASN A 268 8.62 -17.20 -3.80
CA ASN A 268 9.59 -17.90 -4.67
C ASN A 268 8.86 -18.84 -5.64
N ASN B 2 10.80 -18.63 8.37
CA ASN B 2 10.58 -18.66 6.90
C ASN B 2 10.65 -17.23 6.31
N HIS B 3 10.65 -16.21 7.17
CA HIS B 3 10.64 -14.77 6.75
C HIS B 3 11.62 -13.99 7.61
N PRO B 4 12.93 -14.33 7.57
CA PRO B 4 13.91 -13.70 8.45
C PRO B 4 14.13 -12.20 8.14
N MET B 5 13.99 -11.79 6.88
CA MET B 5 14.21 -10.34 6.56
C MET B 5 13.01 -9.53 7.05
N LEU B 6 11.80 -10.01 6.84
CA LEU B 6 10.57 -9.37 7.37
C LEU B 6 10.69 -9.31 8.90
N MET B 7 11.02 -10.44 9.50
CA MET B 7 11.09 -10.56 10.97
C MET B 7 12.07 -9.50 11.50
N ASN B 8 13.25 -9.40 10.87
CA ASN B 8 14.30 -8.41 11.24
C ASN B 8 13.79 -6.98 11.14
N LEU B 9 13.03 -6.66 10.08
CA LEU B 9 12.56 -5.28 9.82
C LEU B 9 11.44 -4.93 10.82
N LEU B 10 10.72 -5.94 11.29
CA LEU B 10 9.62 -5.78 12.29
C LEU B 10 10.21 -5.51 13.68
N LYS B 11 11.44 -5.94 13.92
CA LYS B 11 12.31 -5.57 15.06
C LYS B 11 13.15 -4.36 14.67
C8 FKF C . 4.07 -0.98 -9.28
C9 FKF C . 5.42 -1.31 -9.99
C7 FKF C . 3.49 -2.13 -8.54
O4 FKF C . 5.61 5.65 -4.26
C3 FKF C . 7.24 -4.48 -9.41
C6 FKF C . 3.50 -3.41 -9.37
C5 FKF C . 4.85 -3.75 -9.99
C4 FKF C . 5.80 -4.24 -8.89
C2 FKF C . 7.73 -3.33 -10.28
C1 FKF C . 6.75 -3.00 -11.41
C10 FKF C . 5.41 -2.60 -10.86
O4A FKF C . 5.22 7.62 -4.84
C24 FKF C . 5.46 6.49 -5.18
C23 FKF C . 5.54 6.09 -6.68
C22 FKF C . 5.39 4.56 -6.81
C20 FKF C . 5.07 3.98 -8.18
C21 FKF C . 6.17 4.32 -9.18
C17 FKF C . 4.86 2.45 -7.98
C13 FKF C . 4.72 1.50 -9.15
C18 FKF C . 3.64 2.02 -10.06
C12 FKF C . 5.99 1.17 -9.91
C16 FKF C . 3.61 2.13 -7.13
C15 FKF C . 3.08 0.78 -7.62
C14 FKF C . 4.26 0.26 -8.39
C11 FKF C . 5.85 -0.08 -10.79
C19 FKF C . 4.51 -2.46 -12.04
C29 FKF C . 7.35 -5.74 -10.25
C25 FKF C . 7.32 -7.08 -9.51
C26 FKF C . 8.01 -8.09 -10.41
C27 FKF C . 7.94 -7.16 -8.10
O28 FKF C . 5.96 -7.44 -9.36
H8 FKF C . 3.34 -0.72 -10.05
H9 FKF C . 6.15 -1.43 -9.19
H7 FKF C . 2.46 -1.90 -8.27
H7A FKF C . 4.05 -2.29 -7.61
H3 FKF C . 7.91 -4.56 -8.54
H6 FKF C . 2.75 -3.33 -10.16
H6A FKF C . 3.20 -4.24 -8.73
H5 FKF C . 4.68 -4.61 -10.66
H4A FKF C . 5.84 -3.49 -8.10
H4 FKF C . 5.40 -5.15 -8.45
H2 FKF C . 8.69 -3.60 -10.72
H2A FKF C . 7.91 -2.45 -9.66
H1 FKF C . 6.63 -3.86 -12.07
H1A FKF C . 7.16 -2.20 -12.01
H23 FKF C . 6.50 6.41 -7.08
H23A FKF C . 4.75 6.61 -7.23
H22 FKF C . 4.61 4.25 -6.12
H22A FKF C . 6.31 4.11 -6.46
H20 FKF C . 4.13 4.42 -8.53
H21 FKF C . 7.01 3.70 -9.02
H21B FKF C . 6.45 5.34 -9.08
H21A FKF C . 5.80 4.17 -10.17
H17 FKF C . 5.73 2.11 -7.40
H18 FKF C . 2.99 2.69 -9.55
H18B FKF C . 3.07 1.23 -10.45
H18A FKF C . 4.08 2.55 -10.85
H12 FKF C . 6.81 1.01 -9.20
H12A FKF C . 6.28 2.00 -10.55
H16 FKF C . 2.84 2.89 -7.25
H16A FKF C . 3.86 2.06 -6.07
H15 FKF C . 2.19 0.88 -8.25
H15A FKF C . 2.86 0.12 -6.78
H14 FKF C . 5.04 0.00 -7.66
H11A FKF C . 6.81 -0.27 -11.27
H11 FKF C . 5.12 0.12 -11.57
H19A FKF C . 3.60 -1.99 -11.76
H19 FKF C . 4.29 -3.42 -12.44
H19B FKF C . 4.98 -1.88 -12.78
HO1B FKF C . 8.28 -5.70 -10.81
H31 FKF C . 6.54 -5.75 -10.96
H262 FKF C . 9.06 -7.93 -10.37
H26 FKF C . 7.66 -7.98 -11.40
H261 FKF C . 7.80 -9.07 -10.07
H272 FKF C . 7.36 -6.60 -7.43
H27 FKF C . 8.92 -6.79 -8.13
H271 FKF C . 7.96 -8.17 -7.79
H30 FKF C . 5.90 -8.30 -8.90
C FMT D . -3.63 15.92 -9.87
O1 FMT D . -3.86 14.77 -10.21
O2 FMT D . -3.35 16.26 -8.66
H FMT D . -3.66 16.61 -10.54
HO2 FMT D . -3.42 15.48 -8.07
#